data_7VO8
#
_entry.id   7VO8
#
_cell.length_a   76.978
_cell.length_b   84.192
_cell.length_c   62.216
_cell.angle_alpha   90.00
_cell.angle_beta   99.90
_cell.angle_gamma   90.00
#
_symmetry.space_group_name_H-M   'C 1 2 1'
#
loop_
_entity.id
_entity.type
_entity.pdbx_description
1 polymer '4-hydroxyphenylpyruvate dioxygenase'
2 non-polymer 'COBALT (II) ION'
3 non-polymer N-[6-[[9-(dimethylamino)-12H-benzo[a]phenoxazin-5-yl]amino]hexyl]-4-(2-oxidanyl-6-oxidanylidene-cyclohexen-1-yl)carbonyl-3-[oxidanyl(oxidanylidene)-$l^4-azanyl]benzamide
4 water water
#
_entity_poly.entity_id   1
_entity_poly.type   'polypeptide(L)'
_entity_poly.pdbx_seq_one_letter_code
;KNPKSDKFKVKRFHHIEFWCGDATNVARRFSWGLGMRFSAKSDLSTGNMVHASYLLTSGDLRFLFTAPYSPSLSAGEIKP
TTTASIPSFDHGSCRSFFSSHGLGVRAVAIEVEDAESAFSISVANGAIPSSPPIVLNEAVTIAEVKLYGDVVLRYVSYKA
EDTEKSEFLPGFERVEDASSFPLDYGIRRLDHAVGNVPELGPALTYVAGFTGFHQFAEFTADDVGTAESGLNSAVLASND
EMVLLPINEPVHGTKRKSQIQTYLEHNEGAGLQHLALMSEDIFRTLREMRKRSSIGGFDFMPSPPPTYYQNLKKRVGDVL
SDDQIKECEELGILVDRDDQGTLLQIFTKPLGDRPTIFIEIIQRVGCMMKDEEGKAYQSGGCGGFGKGNFSELFKSIEEY
EKTL
;
_entity_poly.pdbx_strand_id   A
#
loop_
_chem_comp.id
_chem_comp.type
_chem_comp.name
_chem_comp.formula
7RQ non-polymer N-[6-[[9-(dimethylamino)-12H-benzo[a]phenoxazin-5-yl]amino]hexyl]-4-(2-oxidanyl-6-oxidanylidene-cyclohexen-1-yl)carbonyl-3-[oxidanyl(oxidanylidene)-$l^4-azanyl]benzamide 'C38 H39 N5 O7'
CO non-polymer 'COBALT (II) ION' 'Co 2'
#
# COMPACT_ATOMS: atom_id res chain seq x y z
N LYS A 1 2.75 18.65 16.16
CA LYS A 1 3.40 17.97 17.28
C LYS A 1 3.85 16.56 16.89
N ASN A 2 5.15 16.31 17.02
CA ASN A 2 5.75 15.01 16.71
C ASN A 2 6.62 14.62 17.89
N PRO A 3 6.07 13.83 18.83
CA PRO A 3 6.82 13.46 20.03
C PRO A 3 7.97 12.47 19.80
N LYS A 4 8.14 11.97 18.58
CA LYS A 4 9.23 11.04 18.23
C LYS A 4 9.31 9.89 19.24
N SER A 5 8.20 9.17 19.36
CA SER A 5 8.06 8.14 20.40
C SER A 5 8.24 6.72 19.87
N ASP A 6 8.76 6.54 18.66
CA ASP A 6 9.04 5.20 18.13
C ASP A 6 9.81 4.37 19.14
N LYS A 7 9.34 3.15 19.39
CA LYS A 7 9.98 2.30 20.38
C LYS A 7 11.17 1.54 19.83
N PHE A 8 11.40 1.59 18.51
CA PHE A 8 12.59 1.03 17.89
C PHE A 8 12.86 1.83 16.62
N LYS A 9 14.07 1.68 16.08
CA LYS A 9 14.46 2.46 14.91
C LYS A 9 13.79 1.90 13.66
N VAL A 10 13.07 2.75 12.96
CA VAL A 10 12.32 2.40 11.74
C VAL A 10 12.94 3.20 10.61
N LYS A 11 13.17 2.54 9.47
CA LYS A 11 13.75 3.25 8.34
C LYS A 11 12.64 3.64 7.37
N ARG A 12 12.31 2.78 6.42
CA ARG A 12 11.30 3.11 5.42
C ARG A 12 10.45 1.88 5.14
N PHE A 13 9.34 2.11 4.44
CA PHE A 13 8.62 0.98 3.84
C PHE A 13 9.59 0.18 3.00
N HIS A 14 9.48 -1.15 3.10
CA HIS A 14 10.37 -2.03 2.38
C HIS A 14 9.70 -2.76 1.24
N HIS A 15 8.58 -3.44 1.50
CA HIS A 15 7.85 -4.08 0.42
C HIS A 15 6.42 -4.33 0.89
N ILE A 16 5.57 -4.68 -0.08
CA ILE A 16 4.20 -5.09 0.17
C ILE A 16 4.06 -6.47 -0.42
N GLU A 17 3.51 -7.42 0.34
CA GLU A 17 3.31 -8.78 -0.17
C GLU A 17 1.82 -9.05 -0.38
N PHE A 18 1.47 -9.42 -1.61
CA PHE A 18 0.13 -9.92 -1.92
C PHE A 18 0.11 -11.43 -1.81
N TRP A 19 -0.94 -11.96 -1.21
CA TRP A 19 -1.19 -13.39 -1.25
C TRP A 19 -2.22 -13.68 -2.33
N CYS A 20 -1.88 -14.61 -3.23
CA CYS A 20 -2.58 -14.84 -4.49
C CYS A 20 -2.95 -16.30 -4.61
N GLY A 21 -3.77 -16.58 -5.61
CA GLY A 21 -4.00 -17.96 -5.96
C GLY A 21 -3.01 -18.39 -7.01
N ASP A 22 -2.77 -17.51 -7.99
CA ASP A 22 -1.73 -17.71 -8.99
C ASP A 22 -0.87 -16.45 -9.05
N ALA A 23 0.35 -16.55 -8.54
CA ALA A 23 1.22 -15.39 -8.47
C ALA A 23 1.66 -14.91 -9.85
N THR A 24 1.86 -15.84 -10.78
CA THR A 24 2.32 -15.49 -12.13
C THR A 24 1.36 -14.52 -12.81
N ASN A 25 0.06 -14.86 -12.84
CA ASN A 25 -0.88 -14.02 -13.58
C ASN A 25 -1.11 -12.68 -12.90
N VAL A 26 -1.14 -12.64 -11.57
CA VAL A 26 -1.29 -11.35 -10.90
C VAL A 26 -0.05 -10.50 -11.13
N ALA A 27 1.14 -11.09 -10.99
CA ALA A 27 2.36 -10.31 -11.17
C ALA A 27 2.46 -9.77 -12.59
N ARG A 28 2.14 -10.59 -13.60
CA ARG A 28 2.24 -10.09 -14.97
C ARG A 28 1.24 -8.96 -15.24
N ARG A 29 0.02 -9.08 -14.71
CA ARG A 29 -0.97 -8.02 -14.87
C ARG A 29 -0.50 -6.73 -14.21
N PHE A 30 -0.01 -6.82 -12.98
CA PHE A 30 0.45 -5.65 -12.24
C PHE A 30 1.66 -5.02 -12.91
N SER A 31 2.57 -5.85 -13.45
CA SER A 31 3.75 -5.33 -14.12
C SER A 31 3.38 -4.42 -15.29
N TRP A 32 2.48 -4.91 -16.13
CA TRP A 32 2.05 -4.15 -17.30
C TRP A 32 1.20 -2.95 -16.90
N GLY A 33 0.31 -3.11 -15.93
CA GLY A 33 -0.60 -2.04 -15.57
C GLY A 33 0.06 -0.88 -14.86
N LEU A 34 1.12 -1.14 -14.09
CA LEU A 34 1.76 -0.14 -13.23
C LEU A 34 3.16 0.22 -13.70
N GLY A 35 3.71 -0.51 -14.67
CA GLY A 35 5.04 -0.21 -15.17
C GLY A 35 6.11 -0.60 -14.19
N MET A 36 6.00 -1.82 -13.65
CA MET A 36 6.97 -2.33 -12.71
C MET A 36 7.73 -3.46 -13.37
N ARG A 37 9.02 -3.52 -13.09
CA ARG A 37 9.90 -4.51 -13.70
C ARG A 37 9.98 -5.77 -12.85
N PHE A 38 10.05 -6.92 -13.50
CA PHE A 38 10.33 -8.18 -12.80
C PHE A 38 11.78 -8.19 -12.34
N SER A 39 11.99 -8.28 -11.03
CA SER A 39 13.35 -8.12 -10.51
C SER A 39 13.90 -9.31 -9.73
N ALA A 40 13.05 -10.13 -9.10
CA ALA A 40 13.58 -11.31 -8.42
C ALA A 40 12.50 -12.38 -8.37
N LYS A 41 12.92 -13.62 -8.18
CA LYS A 41 11.97 -14.72 -8.07
C LYS A 41 12.45 -15.74 -7.05
N SER A 42 11.50 -16.45 -6.47
CA SER A 42 11.78 -17.63 -5.65
C SER A 42 10.69 -18.62 -5.99
N ASP A 43 11.04 -19.73 -6.64
CA ASP A 43 10.01 -20.65 -7.12
C ASP A 43 10.68 -21.99 -7.41
N LEU A 44 9.96 -22.87 -8.12
CA LEU A 44 10.51 -24.20 -8.39
C LEU A 44 11.87 -24.10 -9.08
N SER A 45 12.06 -23.10 -9.93
CA SER A 45 13.32 -22.99 -10.65
C SER A 45 14.48 -22.58 -9.74
N THR A 46 14.19 -22.05 -8.56
CA THR A 46 15.24 -21.70 -7.60
C THR A 46 15.31 -22.68 -6.44
N GLY A 47 14.59 -23.79 -6.52
CA GLY A 47 14.60 -24.80 -5.49
C GLY A 47 13.53 -24.67 -4.44
N ASN A 48 12.63 -23.71 -4.58
CA ASN A 48 11.56 -23.51 -3.59
C ASN A 48 10.40 -24.43 -3.95
N MET A 49 10.16 -25.47 -3.13
CA MET A 49 9.10 -26.43 -3.38
C MET A 49 7.81 -26.06 -2.66
N VAL A 50 7.77 -24.92 -1.99
CA VAL A 50 6.71 -24.54 -1.09
C VAL A 50 5.81 -23.46 -1.69
N HIS A 51 6.42 -22.36 -2.14
CA HIS A 51 5.63 -21.24 -2.66
C HIS A 51 6.33 -20.65 -3.87
N ALA A 52 5.54 -20.05 -4.75
CA ALA A 52 6.04 -19.24 -5.85
C ALA A 52 5.95 -17.78 -5.45
N SER A 53 7.06 -17.04 -5.54
CA SER A 53 7.08 -15.63 -5.15
C SER A 53 7.80 -14.84 -6.22
N TYR A 54 7.16 -13.79 -6.72
CA TYR A 54 7.73 -12.95 -7.78
C TYR A 54 7.75 -11.50 -7.31
N LEU A 55 8.90 -10.86 -7.45
CA LEU A 55 9.09 -9.50 -6.99
C LEU A 55 9.09 -8.54 -8.17
N LEU A 56 8.25 -7.51 -8.11
CA LEU A 56 8.24 -6.40 -9.05
C LEU A 56 8.79 -5.14 -8.39
N THR A 57 9.51 -4.31 -9.15
CA THR A 57 10.06 -3.10 -8.55
C THR A 57 9.81 -1.93 -9.49
N SER A 58 9.61 -0.75 -8.90
CA SER A 58 9.63 0.50 -9.66
C SER A 58 10.26 1.53 -8.74
N GLY A 59 11.46 1.99 -9.08
CA GLY A 59 12.20 2.81 -8.13
C GLY A 59 12.44 2.04 -6.85
N ASP A 60 12.00 2.61 -5.72
CA ASP A 60 12.14 1.94 -4.43
C ASP A 60 10.89 1.18 -4.04
N LEU A 61 9.86 1.17 -4.89
CA LEU A 61 8.64 0.43 -4.59
C LEU A 61 8.85 -1.04 -4.90
N ARG A 62 8.48 -1.92 -3.95
CA ARG A 62 8.64 -3.35 -4.13
C ARG A 62 7.32 -4.04 -3.85
N PHE A 63 6.78 -4.73 -4.85
CA PHE A 63 5.57 -5.54 -4.73
C PHE A 63 5.96 -7.02 -4.87
N LEU A 64 5.60 -7.83 -3.87
CA LEU A 64 5.87 -9.25 -3.87
C LEU A 64 4.55 -9.99 -4.04
N PHE A 65 4.51 -10.97 -4.97
CA PHE A 65 3.31 -11.76 -5.22
C PHE A 65 3.64 -13.21 -4.93
N THR A 66 2.89 -13.81 -4.00
CA THR A 66 3.17 -15.17 -3.53
C THR A 66 1.93 -16.03 -3.57
N ALA A 67 2.11 -17.29 -3.99
CA ALA A 67 1.05 -18.28 -4.07
C ALA A 67 1.61 -19.63 -3.65
N PRO A 68 0.80 -20.48 -3.03
CA PRO A 68 1.30 -21.80 -2.61
C PRO A 68 1.29 -22.82 -3.74
N TYR A 69 2.28 -23.72 -3.71
CA TYR A 69 2.24 -24.90 -4.55
C TYR A 69 1.39 -25.98 -3.88
N SER A 70 1.22 -27.11 -4.55
CA SER A 70 0.62 -28.26 -3.88
C SER A 70 1.45 -28.62 -2.65
N PRO A 71 0.83 -28.79 -1.48
CA PRO A 71 1.61 -29.25 -0.30
C PRO A 71 2.33 -30.57 -0.54
N SER A 72 1.86 -31.38 -1.50
CA SER A 72 2.52 -32.66 -1.75
C SER A 72 3.97 -32.50 -2.17
N LEU A 73 4.35 -31.37 -2.76
CA LEU A 73 5.72 -31.20 -3.22
C LEU A 73 6.70 -31.12 -2.06
N SER A 74 6.24 -30.68 -0.90
CA SER A 74 7.10 -30.43 0.24
C SER A 74 6.66 -31.23 1.46
N ALA A 75 5.86 -32.28 1.26
CA ALA A 75 5.24 -32.99 2.38
C ALA A 75 6.27 -33.63 3.30
N GLY A 76 7.46 -33.95 2.80
CA GLY A 76 8.47 -34.53 3.64
C GLY A 76 9.32 -33.53 4.39
N GLU A 77 9.18 -32.24 4.07
CA GLU A 77 9.95 -31.21 4.75
C GLU A 77 9.39 -30.93 6.14
N ILE A 78 10.26 -30.41 7.01
CA ILE A 78 9.87 -29.80 8.27
C ILE A 78 10.50 -28.41 8.27
N LYS A 79 10.10 -27.58 9.22
CA LYS A 79 10.64 -26.22 9.24
C LYS A 79 12.17 -26.19 9.24
N PRO A 80 12.89 -27.01 10.01
CA PRO A 80 14.36 -27.04 9.88
C PRO A 80 14.89 -27.43 8.51
N THR A 81 14.11 -28.14 7.68
CA THR A 81 14.58 -28.56 6.35
C THR A 81 13.83 -27.86 5.22
N THR A 82 13.17 -26.73 5.50
CA THR A 82 12.27 -26.14 4.49
C THR A 82 13.05 -25.57 3.31
N THR A 83 12.41 -25.63 2.14
CA THR A 83 12.93 -24.95 0.95
C THR A 83 12.24 -23.62 0.69
N ALA A 84 11.26 -23.24 1.52
CA ALA A 84 10.66 -21.92 1.41
C ALA A 84 11.69 -20.84 1.66
N SER A 85 11.63 -19.77 0.88
CA SER A 85 12.50 -18.63 1.09
C SER A 85 11.91 -17.63 2.08
N ILE A 86 10.61 -17.69 2.30
CA ILE A 86 9.98 -16.83 3.30
C ILE A 86 9.50 -17.73 4.43
N PRO A 87 10.25 -17.83 5.53
CA PRO A 87 9.94 -18.87 6.54
C PRO A 87 8.61 -18.70 7.21
N SER A 88 8.02 -17.51 7.18
CA SER A 88 6.70 -17.32 7.76
C SER A 88 5.58 -17.92 6.91
N PHE A 89 5.86 -18.32 5.68
CA PHE A 89 4.81 -18.81 4.81
C PHE A 89 4.24 -20.13 5.33
N ASP A 90 2.92 -20.27 5.22
CA ASP A 90 2.22 -21.50 5.59
C ASP A 90 1.13 -21.77 4.56
N HIS A 91 1.13 -22.97 3.98
CA HIS A 91 0.13 -23.32 2.98
C HIS A 91 -1.28 -23.07 3.50
N GLY A 92 -1.58 -23.59 4.69
CA GLY A 92 -2.92 -23.45 5.22
C GLY A 92 -3.33 -22.02 5.46
N SER A 93 -2.42 -21.21 6.02
CA SER A 93 -2.72 -19.80 6.27
C SER A 93 -2.99 -19.07 4.97
N CYS A 94 -2.19 -19.37 3.95
CA CYS A 94 -2.32 -18.66 2.67
C CYS A 94 -3.63 -19.03 1.99
N ARG A 95 -3.95 -20.32 1.94
CA ARG A 95 -5.22 -20.72 1.32
C ARG A 95 -6.39 -20.17 2.11
N SER A 96 -6.30 -20.18 3.45
CA SER A 96 -7.39 -19.63 4.26
C SER A 96 -7.54 -18.13 4.06
N PHE A 97 -6.42 -17.41 4.02
CA PHE A 97 -6.46 -15.97 3.73
C PHE A 97 -7.15 -15.71 2.40
N PHE A 98 -6.73 -16.41 1.35
CA PHE A 98 -7.25 -16.10 0.03
C PHE A 98 -8.71 -16.51 -0.10
N SER A 99 -9.09 -17.65 0.49
CA SER A 99 -10.49 -18.03 0.46
C SER A 99 -11.34 -16.99 1.19
N SER A 100 -10.83 -16.46 2.30
CA SER A 100 -11.61 -15.53 3.11
C SER A 100 -11.69 -14.16 2.46
N HIS A 101 -10.56 -13.65 1.98
CA HIS A 101 -10.46 -12.25 1.58
C HIS A 101 -10.31 -12.03 0.09
N GLY A 102 -9.99 -13.08 -0.67
CA GLY A 102 -9.65 -12.90 -2.06
C GLY A 102 -8.26 -12.25 -2.14
N LEU A 103 -7.91 -11.84 -3.36
CA LEU A 103 -6.61 -11.20 -3.59
C LEU A 103 -6.43 -9.96 -2.73
N GLY A 104 -5.31 -9.88 -2.03
CA GLY A 104 -5.11 -8.75 -1.15
C GLY A 104 -3.74 -8.78 -0.51
N VAL A 105 -3.48 -7.74 0.30
CA VAL A 105 -2.19 -7.58 0.95
C VAL A 105 -2.16 -8.41 2.23
N ARG A 106 -1.19 -9.30 2.32
CA ARG A 106 -0.90 -10.05 3.54
C ARG A 106 0.09 -9.32 4.43
N ALA A 107 1.13 -8.71 3.86
CA ALA A 107 2.18 -8.11 4.69
C ALA A 107 2.51 -6.70 4.23
N VAL A 108 2.56 -5.79 5.19
CA VAL A 108 3.14 -4.45 5.02
C VAL A 108 4.50 -4.53 5.71
N ALA A 109 5.58 -4.48 4.93
CA ALA A 109 6.91 -4.69 5.47
C ALA A 109 7.65 -3.37 5.58
N ILE A 110 8.28 -3.15 6.74
CA ILE A 110 9.09 -1.97 6.95
C ILE A 110 10.51 -2.40 7.29
N GLU A 111 11.49 -1.66 6.79
CA GLU A 111 12.87 -1.93 7.17
C GLU A 111 13.15 -1.28 8.51
N VAL A 112 13.77 -2.04 9.42
CA VAL A 112 14.13 -1.56 10.75
C VAL A 112 15.60 -1.85 10.97
N GLU A 113 16.13 -1.33 12.08
CA GLU A 113 17.55 -1.53 12.38
C GLU A 113 17.82 -2.97 12.81
N ASP A 114 16.89 -3.55 13.56
CA ASP A 114 17.09 -4.86 14.17
C ASP A 114 15.71 -5.49 14.31
N ALA A 115 15.41 -6.45 13.43
CA ALA A 115 14.07 -7.03 13.41
C ALA A 115 13.81 -7.88 14.64
N GLU A 116 14.84 -8.51 15.20
CA GLU A 116 14.61 -9.28 16.43
C GLU A 116 14.26 -8.35 17.59
N SER A 117 14.97 -7.22 17.71
CA SER A 117 14.64 -6.24 18.74
C SER A 117 13.26 -5.62 18.48
N ALA A 118 12.99 -5.20 17.25
CA ALA A 118 11.66 -4.68 16.92
C ALA A 118 10.56 -5.65 17.31
N PHE A 119 10.75 -6.95 17.01
CA PHE A 119 9.75 -7.94 17.36
C PHE A 119 9.60 -8.02 18.88
N SER A 120 10.71 -8.14 19.59
CA SER A 120 10.65 -8.31 21.04
C SER A 120 10.02 -7.11 21.72
N ILE A 121 10.42 -5.91 21.32
CA ILE A 121 9.83 -4.70 21.90
C ILE A 121 8.36 -4.61 21.55
N SER A 122 7.99 -4.92 20.30
CA SER A 122 6.58 -4.82 19.92
C SER A 122 5.74 -5.75 20.76
N VAL A 123 6.17 -7.01 20.92
CA VAL A 123 5.38 -7.98 21.67
C VAL A 123 5.36 -7.60 23.15
N ALA A 124 6.46 -7.08 23.67
CA ALA A 124 6.47 -6.60 25.04
C ALA A 124 5.49 -5.46 25.26
N ASN A 125 5.12 -4.76 24.18
CA ASN A 125 4.21 -3.63 24.27
C ASN A 125 2.85 -3.93 23.65
N GLY A 126 2.45 -5.19 23.55
CA GLY A 126 1.09 -5.56 23.22
C GLY A 126 0.88 -6.16 21.85
N ALA A 127 1.89 -6.16 20.98
CA ALA A 127 1.72 -6.75 19.65
C ALA A 127 1.43 -8.23 19.75
N ILE A 128 0.51 -8.70 18.91
CA ILE A 128 0.21 -10.12 18.81
C ILE A 128 1.22 -10.73 17.85
N PRO A 129 2.06 -11.64 18.31
CA PRO A 129 3.07 -12.22 17.42
C PRO A 129 2.42 -13.06 16.32
N SER A 130 3.03 -13.00 15.14
CA SER A 130 2.60 -13.80 14.01
C SER A 130 3.66 -14.77 13.52
N SER A 131 4.91 -14.31 13.38
CA SER A 131 6.01 -15.18 13.02
C SER A 131 7.25 -14.67 13.77
N PRO A 132 7.93 -15.54 14.51
CA PRO A 132 9.07 -15.09 15.33
C PRO A 132 10.25 -14.71 14.46
N PRO A 133 11.22 -13.97 15.00
CA PRO A 133 12.37 -13.57 14.19
C PRO A 133 13.13 -14.79 13.68
N ILE A 134 13.48 -14.76 12.41
CA ILE A 134 14.25 -15.83 11.77
C ILE A 134 15.37 -15.16 10.99
N VAL A 135 16.59 -15.66 11.16
CA VAL A 135 17.75 -15.12 10.49
C VAL A 135 18.01 -15.95 9.25
N LEU A 136 18.05 -15.28 8.09
CA LEU A 136 18.17 -15.93 6.79
C LEU A 136 19.60 -15.80 6.29
N ASN A 137 20.28 -16.93 6.12
CA ASN A 137 21.65 -16.96 5.60
C ASN A 137 22.57 -16.00 6.36
N GLU A 138 22.33 -15.87 7.66
CA GLU A 138 23.13 -14.97 8.51
C GLU A 138 23.21 -13.55 7.95
N ALA A 139 22.18 -13.14 7.23
CA ALA A 139 22.29 -11.88 6.50
C ALA A 139 21.08 -10.98 6.66
N VAL A 140 19.89 -11.55 6.75
CA VAL A 140 18.65 -10.80 6.86
C VAL A 140 17.82 -11.41 7.98
N THR A 141 17.17 -10.56 8.78
CA THR A 141 16.26 -11.03 9.81
C THR A 141 14.85 -10.56 9.49
N ILE A 142 13.88 -11.46 9.58
CA ILE A 142 12.48 -11.19 9.31
C ILE A 142 11.64 -11.63 10.51
N ALA A 143 10.65 -10.82 10.88
CA ALA A 143 9.71 -11.12 11.95
C ALA A 143 8.38 -10.45 11.60
N GLU A 144 7.28 -10.98 12.16
CA GLU A 144 5.94 -10.50 11.82
C GLU A 144 5.05 -10.42 13.05
N VAL A 145 4.29 -9.33 13.17
CA VAL A 145 3.25 -9.19 14.18
C VAL A 145 1.93 -8.84 13.49
N LYS A 146 0.83 -9.07 14.18
CA LYS A 146 -0.47 -8.76 13.59
C LYS A 146 -0.68 -7.24 13.53
N LEU A 147 -1.18 -6.76 12.39
CA LEU A 147 -1.48 -5.35 12.24
C LEU A 147 -2.97 -5.08 12.39
N TYR A 148 -3.78 -5.65 11.50
CA TYR A 148 -5.23 -5.64 11.61
C TYR A 148 -5.77 -6.75 10.70
N GLY A 149 -6.92 -7.30 11.07
CA GLY A 149 -7.45 -8.42 10.31
C GLY A 149 -6.42 -9.53 10.21
N ASP A 150 -6.19 -10.00 8.99
CA ASP A 150 -5.16 -10.99 8.72
C ASP A 150 -3.95 -10.37 8.04
N VAL A 151 -3.78 -9.04 8.18
CA VAL A 151 -2.62 -8.34 7.65
C VAL A 151 -1.56 -8.30 8.73
N VAL A 152 -0.31 -8.52 8.36
CA VAL A 152 0.78 -8.48 9.32
C VAL A 152 1.68 -7.30 9.02
N LEU A 153 2.29 -6.76 10.08
CA LEU A 153 3.39 -5.83 9.94
C LEU A 153 4.68 -6.65 10.00
N ARG A 154 5.46 -6.60 8.94
CA ARG A 154 6.66 -7.42 8.79
C ARG A 154 7.88 -6.54 9.00
N TYR A 155 8.75 -6.94 9.91
CA TYR A 155 9.99 -6.24 10.16
C TYR A 155 11.10 -6.95 9.40
N VAL A 156 11.91 -6.19 8.66
CA VAL A 156 13.07 -6.73 7.97
C VAL A 156 14.29 -5.89 8.35
N SER A 157 15.40 -6.54 8.69
CA SER A 157 16.65 -5.85 8.96
C SER A 157 17.78 -6.55 8.24
N TYR A 158 18.74 -5.76 7.74
CA TYR A 158 19.84 -6.26 6.93
C TYR A 158 21.16 -6.00 7.65
N LYS A 159 22.00 -7.03 7.73
CA LYS A 159 23.34 -6.83 8.29
C LYS A 159 24.13 -5.85 7.45
N ALA A 160 24.12 -6.04 6.13
CA ALA A 160 24.76 -5.09 5.22
C ALA A 160 23.77 -4.03 4.73
N GLU A 167 19.24 -9.79 -4.11
CA GLU A 167 19.61 -9.22 -2.81
C GLU A 167 18.38 -8.87 -1.97
N PHE A 168 17.19 -9.06 -2.54
CA PHE A 168 15.93 -8.85 -1.82
C PHE A 168 15.95 -9.65 -0.53
N LEU A 169 15.91 -10.97 -0.67
CA LEU A 169 16.01 -11.89 0.43
C LEU A 169 16.89 -13.05 -0.01
N PRO A 170 17.59 -13.70 0.93
CA PRO A 170 18.33 -14.91 0.58
C PRO A 170 17.39 -15.96 -0.01
N GLY A 171 17.88 -16.66 -1.02
CA GLY A 171 17.07 -17.64 -1.71
C GLY A 171 16.29 -17.09 -2.89
N PHE A 172 16.18 -15.77 -3.01
CA PHE A 172 15.63 -15.15 -4.21
C PHE A 172 16.75 -14.98 -5.23
N GLU A 173 16.42 -15.16 -6.50
CA GLU A 173 17.38 -14.96 -7.58
C GLU A 173 16.95 -13.78 -8.44
N ARG A 174 17.95 -13.00 -8.88
CA ARG A 174 17.70 -11.97 -9.90
C ARG A 174 17.15 -12.60 -11.16
N VAL A 175 16.27 -11.85 -11.85
CA VAL A 175 15.54 -12.37 -13.00
C VAL A 175 16.34 -12.11 -14.27
N GLU A 176 16.24 -13.05 -15.22
CA GLU A 176 16.97 -12.96 -16.49
C GLU A 176 16.63 -11.67 -17.23
N ASP A 177 17.65 -11.06 -17.84
CA ASP A 177 17.48 -9.81 -18.55
C ASP A 177 16.36 -9.89 -19.58
N ALA A 178 16.19 -11.05 -20.22
CA ALA A 178 15.16 -11.22 -21.24
C ALA A 178 13.76 -11.14 -20.64
N SER A 179 13.57 -11.75 -19.46
CA SER A 179 12.30 -11.67 -18.76
C SER A 179 12.07 -10.32 -18.09
N SER A 180 13.11 -9.48 -17.98
CA SER A 180 13.05 -8.26 -17.19
C SER A 180 13.04 -7.04 -18.11
N PHE A 181 11.90 -6.85 -18.77
CA PHE A 181 11.69 -5.66 -19.61
C PHE A 181 11.69 -4.40 -18.75
N PRO A 182 12.40 -3.34 -19.15
CA PRO A 182 12.56 -2.18 -18.24
C PRO A 182 11.38 -1.21 -18.30
N LEU A 183 10.18 -1.70 -17.95
CA LEU A 183 9.03 -0.80 -17.89
C LEU A 183 9.22 0.20 -16.75
N ASP A 184 8.69 1.41 -16.96
CA ASP A 184 8.74 2.44 -15.93
C ASP A 184 7.77 3.56 -16.28
N TYR A 185 6.71 3.74 -15.49
CA TYR A 185 5.75 4.81 -15.75
C TYR A 185 5.92 5.94 -14.74
N GLY A 186 6.96 5.93 -13.92
CA GLY A 186 7.25 7.02 -13.02
C GLY A 186 6.98 6.76 -11.56
N ILE A 187 6.48 5.59 -11.19
CA ILE A 187 6.23 5.32 -9.77
C ILE A 187 7.56 5.06 -9.07
N ARG A 188 7.71 5.60 -7.85
CA ARG A 188 9.00 5.56 -7.16
C ARG A 188 8.99 4.98 -5.75
N ARG A 189 7.91 5.10 -4.99
CA ARG A 189 7.92 4.52 -3.65
C ARG A 189 6.50 4.44 -3.10
N LEU A 190 6.34 3.67 -2.03
CA LEU A 190 5.08 3.62 -1.29
C LEU A 190 4.98 4.83 -0.38
N ASP A 191 3.92 5.62 -0.53
CA ASP A 191 3.74 6.78 0.32
C ASP A 191 2.97 6.42 1.59
N HIS A 192 1.87 5.68 1.47
CA HIS A 192 1.14 5.25 2.64
C HIS A 192 0.32 4.01 2.33
N ALA A 193 -0.07 3.30 3.39
CA ALA A 193 -0.86 2.07 3.29
C ALA A 193 -1.98 2.16 4.31
N VAL A 194 -3.21 1.96 3.86
CA VAL A 194 -4.41 2.31 4.61
C VAL A 194 -5.19 1.04 4.94
N GLY A 195 -5.59 0.90 6.22
CA GLY A 195 -6.40 -0.20 6.66
C GLY A 195 -7.83 0.20 6.96
N ASN A 196 -8.77 -0.71 6.70
CA ASN A 196 -10.16 -0.56 7.10
C ASN A 196 -10.45 -1.49 8.26
N VAL A 197 -11.05 -0.97 9.32
CA VAL A 197 -11.37 -1.77 10.51
C VAL A 197 -12.80 -1.45 10.95
N PRO A 198 -13.42 -2.33 11.74
CA PRO A 198 -14.76 -2.03 12.27
C PRO A 198 -14.75 -0.92 13.32
N GLU A 199 -13.70 -0.82 14.13
CA GLU A 199 -13.62 0.17 15.20
C GLU A 199 -12.25 0.83 15.22
N LEU A 200 -12.22 2.13 14.97
CA LEU A 200 -10.97 2.86 14.82
C LEU A 200 -10.22 2.98 16.14
N GLY A 201 -10.93 3.32 17.21
CA GLY A 201 -10.31 3.56 18.51
C GLY A 201 -9.41 2.42 18.96
N PRO A 202 -9.97 1.21 19.06
CA PRO A 202 -9.15 0.06 19.51
C PRO A 202 -8.04 -0.30 18.54
N ALA A 203 -8.23 -0.06 17.24
CA ALA A 203 -7.17 -0.35 16.28
C ALA A 203 -6.00 0.62 16.45
N LEU A 204 -6.30 1.90 16.65
CA LEU A 204 -5.22 2.87 16.85
C LEU A 204 -4.49 2.61 18.15
N THR A 205 -5.23 2.34 19.23
CA THR A 205 -4.60 2.06 20.52
C THR A 205 -3.66 0.87 20.43
N TYR A 206 -4.09 -0.19 19.75
CA TYR A 206 -3.25 -1.37 19.59
C TYR A 206 -1.96 -1.05 18.82
N VAL A 207 -2.08 -0.46 17.63
CA VAL A 207 -0.90 -0.29 16.80
C VAL A 207 0.03 0.77 17.38
N ALA A 208 -0.51 1.93 17.76
CA ALA A 208 0.32 2.94 18.40
C ALA A 208 0.93 2.41 19.69
N GLY A 209 0.22 1.51 20.36
CA GLY A 209 0.72 0.95 21.61
C GLY A 209 2.01 0.17 21.42
N PHE A 210 2.10 -0.66 20.37
CA PHE A 210 3.29 -1.48 20.23
C PHE A 210 4.37 -0.85 19.37
N THR A 211 4.06 0.16 18.55
CA THR A 211 5.07 0.82 17.72
C THR A 211 5.63 2.09 18.34
N GLY A 212 4.83 2.80 19.11
CA GLY A 212 5.17 4.17 19.47
C GLY A 212 4.93 5.17 18.37
N PHE A 213 4.32 4.75 17.25
CA PHE A 213 3.95 5.70 16.22
C PHE A 213 2.97 6.72 16.78
N HIS A 214 3.08 7.96 16.30
CA HIS A 214 2.26 9.05 16.81
C HIS A 214 1.17 9.41 15.80
N GLN A 215 0.16 10.10 16.29
CA GLN A 215 -0.91 10.55 15.40
C GLN A 215 -0.42 11.69 14.54
N PHE A 216 -0.60 11.55 13.23
CA PHE A 216 -0.15 12.56 12.27
C PHE A 216 -1.21 13.63 12.14
N ALA A 217 -0.78 14.90 12.20
CA ALA A 217 -1.70 16.03 12.20
C ALA A 217 -2.36 16.22 10.84
N GLU A 218 -3.68 16.46 10.87
CA GLU A 218 -4.47 16.71 9.66
C GLU A 218 -5.12 18.08 9.73
N PHE A 219 -5.08 18.80 8.61
CA PHE A 219 -5.68 20.14 8.53
C PHE A 219 -7.12 20.06 8.05
N GLU A 228 -19.69 12.21 7.92
CA GLU A 228 -20.63 12.78 6.97
C GLU A 228 -20.41 12.21 5.57
N SER A 229 -19.20 11.71 5.33
CA SER A 229 -18.85 11.03 4.09
C SER A 229 -18.66 9.53 4.28
N GLY A 230 -19.05 9.00 5.43
CA GLY A 230 -19.07 7.56 5.63
C GLY A 230 -17.89 6.99 6.37
N LEU A 231 -16.94 7.81 6.82
CA LEU A 231 -15.79 7.25 7.53
C LEU A 231 -15.27 8.21 8.58
N ASN A 232 -14.63 7.63 9.59
CA ASN A 232 -13.71 8.32 10.47
C ASN A 232 -12.33 7.72 10.26
N SER A 233 -11.31 8.57 10.31
CA SER A 233 -9.96 8.09 10.03
C SER A 233 -8.96 8.81 10.90
N ALA A 234 -7.80 8.19 11.04
CA ALA A 234 -6.65 8.80 11.70
C ALA A 234 -5.41 8.17 11.10
N VAL A 235 -4.27 8.85 11.25
CA VAL A 235 -3.03 8.42 10.63
C VAL A 235 -1.96 8.25 11.70
N LEU A 236 -1.29 7.10 11.68
CA LEU A 236 -0.14 6.83 12.52
C LEU A 236 1.14 6.99 11.72
N ALA A 237 2.17 7.58 12.33
CA ALA A 237 3.40 7.94 11.64
C ALA A 237 4.62 7.60 12.47
N SER A 238 5.71 7.22 11.78
CA SER A 238 7.00 7.01 12.42
C SER A 238 7.65 8.37 12.74
N ASN A 239 8.84 8.29 13.35
CA ASN A 239 9.52 9.48 13.88
C ASN A 239 9.73 10.54 12.80
N ASP A 240 10.22 10.13 11.63
CA ASP A 240 10.41 11.08 10.56
C ASP A 240 9.21 11.14 9.61
N GLU A 241 8.10 10.51 10.00
CA GLU A 241 6.82 10.60 9.30
C GLU A 241 6.94 10.12 7.85
N MET A 242 7.86 9.20 7.59
CA MET A 242 7.96 8.54 6.29
C MET A 242 7.31 7.17 6.23
N VAL A 243 7.01 6.54 7.36
CA VAL A 243 6.11 5.40 7.39
C VAL A 243 4.78 5.94 7.88
N LEU A 244 3.76 5.87 7.03
CA LEU A 244 2.44 6.46 7.27
C LEU A 244 1.38 5.38 7.13
N LEU A 245 0.62 5.16 8.20
CA LEU A 245 -0.38 4.11 8.27
C LEU A 245 -1.72 4.69 8.67
N PRO A 246 -2.49 5.21 7.72
CA PRO A 246 -3.87 5.60 8.03
C PRO A 246 -4.76 4.40 8.31
N ILE A 247 -5.78 4.63 9.14
CA ILE A 247 -6.79 3.62 9.45
C ILE A 247 -8.18 4.28 9.39
N ASN A 248 -9.13 3.60 8.76
CA ASN A 248 -10.51 4.06 8.62
C ASN A 248 -11.47 3.14 9.35
N GLU A 249 -12.55 3.73 9.87
CA GLU A 249 -13.71 2.98 10.35
C GLU A 249 -14.97 3.49 9.66
N PRO A 250 -16.00 2.66 9.54
CA PRO A 250 -17.24 3.14 8.90
C PRO A 250 -18.02 4.08 9.81
N VAL A 251 -18.82 4.94 9.19
CA VAL A 251 -19.85 5.71 9.88
C VAL A 251 -21.20 5.25 9.35
N HIS A 252 -22.03 4.70 10.24
CA HIS A 252 -23.29 4.06 9.86
C HIS A 252 -24.45 5.05 9.88
N GLY A 253 -25.54 4.66 9.23
CA GLY A 253 -26.74 5.47 9.18
C GLY A 253 -26.69 6.62 8.22
N THR A 254 -25.74 6.62 7.28
CA THR A 254 -25.51 7.74 6.39
C THR A 254 -26.47 7.69 5.19
N LYS A 255 -26.51 8.80 4.45
CA LYS A 255 -27.36 8.89 3.27
C LYS A 255 -26.99 7.82 2.26
N ARG A 256 -25.71 7.75 1.88
CA ARG A 256 -25.18 6.65 1.11
C ARG A 256 -24.47 5.67 2.05
N LYS A 257 -24.56 4.38 1.74
CA LYS A 257 -23.92 3.38 2.58
C LYS A 257 -22.41 3.59 2.59
N SER A 258 -21.80 3.45 3.75
CA SER A 258 -20.36 3.65 3.89
C SER A 258 -19.59 2.65 3.03
N GLN A 259 -18.70 3.18 2.21
CA GLN A 259 -17.80 2.32 1.44
C GLN A 259 -16.85 1.55 2.33
N ILE A 260 -16.58 2.04 3.54
CA ILE A 260 -15.79 1.25 4.50
C ILE A 260 -16.58 0.01 4.92
N GLN A 261 -17.89 0.16 5.13
CA GLN A 261 -18.69 -1.00 5.52
C GLN A 261 -18.84 -1.98 4.37
N THR A 262 -19.01 -1.48 3.14
CA THR A 262 -19.02 -2.37 1.98
C THR A 262 -17.71 -3.16 1.91
N TYR A 263 -16.57 -2.48 2.10
CA TYR A 263 -15.29 -3.18 2.16
C TYR A 263 -15.32 -4.31 3.17
N LEU A 264 -15.73 -4.00 4.41
CA LEU A 264 -15.68 -5.01 5.48
C LEU A 264 -16.55 -6.21 5.13
N GLU A 265 -17.69 -5.97 4.47
CA GLU A 265 -18.57 -7.08 4.09
C GLU A 265 -17.94 -7.95 3.01
N HIS A 266 -17.39 -7.33 1.95
CA HIS A 266 -16.86 -8.14 0.86
C HIS A 266 -15.49 -8.73 1.18
N ASN A 267 -14.74 -8.12 2.07
CA ASN A 267 -13.44 -8.64 2.49
C ASN A 267 -13.53 -9.67 3.60
N GLU A 268 -14.71 -9.89 4.18
CA GLU A 268 -14.86 -10.68 5.40
C GLU A 268 -14.00 -10.11 6.53
N GLY A 269 -14.11 -8.81 6.75
CA GLY A 269 -13.53 -8.19 7.92
C GLY A 269 -12.44 -7.19 7.54
N ALA A 270 -11.72 -6.76 8.58
CA ALA A 270 -10.67 -5.77 8.45
C ALA A 270 -9.59 -6.22 7.47
N GLY A 271 -8.98 -5.26 6.80
CA GLY A 271 -7.86 -5.54 5.91
C GLY A 271 -7.33 -4.25 5.31
N LEU A 272 -6.36 -4.43 4.42
CA LEU A 272 -5.76 -3.28 3.76
C LEU A 272 -6.68 -2.76 2.67
N GLN A 273 -6.99 -1.47 2.74
CA GLN A 273 -7.90 -0.83 1.79
C GLN A 273 -7.18 -0.28 0.57
N HIS A 274 -6.13 0.51 0.75
CA HIS A 274 -5.46 1.01 -0.44
C HIS A 274 -3.97 1.25 -0.18
N LEU A 275 -3.21 1.18 -1.26
CA LEU A 275 -1.80 1.53 -1.28
C LEU A 275 -1.66 2.79 -2.11
N ALA A 276 -0.99 3.79 -1.54
CA ALA A 276 -0.73 5.04 -2.26
C ALA A 276 0.71 5.05 -2.72
N LEU A 277 0.90 5.17 -4.04
CA LEU A 277 2.20 5.04 -4.69
C LEU A 277 2.63 6.43 -5.17
N MET A 278 3.77 6.91 -4.66
CA MET A 278 4.29 8.20 -5.10
C MET A 278 4.86 8.09 -6.51
N SER A 279 4.52 9.07 -7.34
CA SER A 279 5.09 9.20 -8.67
C SER A 279 5.98 10.42 -8.70
N GLU A 280 7.12 10.32 -9.40
CA GLU A 280 7.96 11.48 -9.69
C GLU A 280 7.38 12.36 -10.79
N ASP A 281 6.33 11.91 -11.48
CA ASP A 281 5.73 12.71 -12.55
C ASP A 281 4.33 12.15 -12.78
N ILE A 282 3.37 12.64 -11.98
CA ILE A 282 2.05 12.01 -11.97
C ILE A 282 1.37 12.15 -13.32
N PHE A 283 1.70 13.19 -14.07
CA PHE A 283 1.13 13.32 -15.41
C PHE A 283 1.57 12.18 -16.31
N ARG A 284 2.88 11.88 -16.32
CA ARG A 284 3.36 10.78 -17.14
C ARG A 284 2.78 9.47 -16.65
N THR A 285 2.71 9.27 -15.33
CA THR A 285 2.23 7.99 -14.80
C THR A 285 0.81 7.72 -15.24
N LEU A 286 -0.05 8.75 -15.15
CA LEU A 286 -1.45 8.55 -15.49
C LEU A 286 -1.65 8.44 -16.99
N ARG A 287 -0.87 9.19 -17.79
CA ARG A 287 -0.94 8.97 -19.23
C ARG A 287 -0.64 7.51 -19.56
N GLU A 288 0.42 6.97 -18.98
CA GLU A 288 0.84 5.61 -19.29
C GLU A 288 -0.15 4.59 -18.75
N MET A 289 -0.66 4.79 -17.54
CA MET A 289 -1.61 3.85 -16.98
C MET A 289 -2.94 3.88 -17.71
N ARG A 290 -3.41 5.08 -18.08
CA ARG A 290 -4.73 5.16 -18.71
C ARG A 290 -4.70 4.59 -20.13
N LYS A 291 -3.56 4.67 -20.80
CA LYS A 291 -3.40 4.05 -22.12
C LYS A 291 -3.58 2.53 -22.06
N ARG A 292 -3.32 1.95 -20.89
CA ARG A 292 -3.35 0.50 -20.76
C ARG A 292 -4.58 -0.02 -20.03
N SER A 293 -5.51 0.87 -19.64
CA SER A 293 -6.64 0.45 -18.81
C SER A 293 -7.45 -0.67 -19.47
N SER A 294 -7.67 -0.57 -20.78
CA SER A 294 -8.51 -1.50 -21.50
C SER A 294 -7.73 -2.62 -22.19
N ILE A 295 -6.41 -2.67 -21.98
CA ILE A 295 -5.58 -3.71 -22.56
C ILE A 295 -4.75 -4.39 -21.49
N GLY A 296 -5.37 -4.70 -20.36
CA GLY A 296 -4.75 -5.51 -19.33
C GLY A 296 -4.37 -4.76 -18.06
N GLY A 297 -4.42 -3.44 -18.08
CA GLY A 297 -3.96 -2.64 -16.95
C GLY A 297 -5.06 -2.34 -15.95
N PHE A 298 -5.03 -1.15 -15.36
CA PHE A 298 -5.96 -0.78 -14.30
C PHE A 298 -6.90 0.33 -14.77
N ASP A 299 -8.14 0.26 -14.32
CA ASP A 299 -9.16 1.26 -14.56
C ASP A 299 -9.15 2.29 -13.45
N PHE A 300 -9.62 3.51 -13.76
CA PHE A 300 -9.65 4.58 -12.78
C PHE A 300 -11.08 4.98 -12.46
N MET A 301 -11.26 5.52 -11.25
CA MET A 301 -12.57 5.99 -10.84
C MET A 301 -13.04 7.08 -11.80
N PRO A 302 -14.35 7.32 -11.90
CA PRO A 302 -14.84 8.36 -12.81
C PRO A 302 -14.31 9.72 -12.43
N SER A 303 -14.05 10.54 -13.43
CA SER A 303 -13.38 11.81 -13.22
C SER A 303 -14.33 12.83 -12.61
N PRO A 304 -13.78 13.84 -11.92
CA PRO A 304 -14.62 14.95 -11.44
C PRO A 304 -15.23 15.70 -12.61
N PRO A 305 -16.33 16.43 -12.38
CA PRO A 305 -16.92 17.24 -13.45
C PRO A 305 -16.06 18.46 -13.76
N PRO A 306 -16.32 19.14 -14.88
CA PRO A 306 -15.47 20.30 -15.22
C PRO A 306 -15.52 21.41 -14.18
N THR A 307 -16.62 21.50 -13.44
CA THR A 307 -16.74 22.51 -12.39
C THR A 307 -15.65 22.34 -11.34
N TYR A 308 -15.26 21.08 -11.07
CA TYR A 308 -14.16 20.85 -10.14
C TYR A 308 -12.88 21.51 -10.62
N TYR A 309 -12.60 21.41 -11.92
CA TYR A 309 -11.36 21.99 -12.42
C TYR A 309 -11.47 23.51 -12.55
N GLN A 310 -12.66 24.02 -12.89
CA GLN A 310 -12.87 25.46 -12.81
C GLN A 310 -12.63 25.98 -11.39
N ASN A 311 -13.05 25.22 -10.37
CA ASN A 311 -12.85 25.64 -8.99
C ASN A 311 -11.40 25.53 -8.55
N LEU A 312 -10.54 24.87 -9.32
CA LEU A 312 -9.15 24.68 -8.90
C LEU A 312 -8.37 26.00 -8.94
N LYS A 313 -8.75 26.91 -9.83
CA LYS A 313 -8.05 28.19 -9.94
C LYS A 313 -8.03 28.91 -8.61
N LYS A 314 -9.19 29.03 -7.97
CA LYS A 314 -9.27 29.70 -6.67
C LYS A 314 -8.48 28.96 -5.59
N ARG A 315 -8.40 27.63 -5.67
CA ARG A 315 -7.81 26.88 -4.57
C ARG A 315 -6.30 26.69 -4.71
N VAL A 316 -5.79 26.51 -5.92
CA VAL A 316 -4.38 26.16 -6.08
C VAL A 316 -3.77 26.92 -7.25
N GLY A 317 -4.44 27.98 -7.69
CA GLY A 317 -3.94 28.82 -8.77
C GLY A 317 -2.57 29.44 -8.50
N ASP A 318 -2.10 29.45 -7.27
CA ASP A 318 -0.74 29.89 -6.98
C ASP A 318 0.28 28.76 -7.01
N VAL A 319 -0.17 27.52 -7.21
CA VAL A 319 0.71 26.37 -7.24
C VAL A 319 0.78 25.75 -8.63
N LEU A 320 -0.34 25.73 -9.35
CA LEU A 320 -0.42 25.14 -10.67
C LEU A 320 -0.83 26.20 -11.69
N SER A 321 -0.17 26.19 -12.83
CA SER A 321 -0.57 27.06 -13.92
C SER A 321 -1.89 26.57 -14.52
N ASP A 322 -2.48 27.40 -15.37
CA ASP A 322 -3.69 27.01 -16.09
C ASP A 322 -3.43 25.77 -16.95
N ASP A 323 -2.25 25.70 -17.58
CA ASP A 323 -1.93 24.52 -18.39
C ASP A 323 -1.80 23.28 -17.52
N GLN A 324 -1.18 23.42 -16.35
CA GLN A 324 -1.04 22.30 -15.43
C GLN A 324 -2.40 21.88 -14.87
N ILE A 325 -3.29 22.85 -14.65
CA ILE A 325 -4.66 22.51 -14.25
C ILE A 325 -5.38 21.81 -15.39
N LYS A 326 -5.19 22.28 -16.63
CA LYS A 326 -5.81 21.61 -17.78
C LYS A 326 -5.32 20.18 -17.91
N GLU A 327 -4.04 19.94 -17.61
CA GLU A 327 -3.52 18.56 -17.64
C GLU A 327 -4.16 17.70 -16.57
N CYS A 328 -4.36 18.26 -15.36
CA CYS A 328 -5.10 17.53 -14.32
C CYS A 328 -6.50 17.16 -14.82
N GLU A 329 -7.18 18.09 -15.49
CA GLU A 329 -8.51 17.79 -15.99
C GLU A 329 -8.48 16.69 -17.05
N GLU A 330 -7.48 16.71 -17.95
CA GLU A 330 -7.37 15.68 -18.98
C GLU A 330 -7.26 14.29 -18.37
N LEU A 331 -6.58 14.19 -17.23
CA LEU A 331 -6.25 12.89 -16.63
C LEU A 331 -7.15 12.53 -15.47
N GLY A 332 -8.06 13.41 -15.07
CA GLY A 332 -8.95 13.16 -13.95
C GLY A 332 -8.29 13.24 -12.58
N ILE A 333 -7.21 13.99 -12.47
CA ILE A 333 -6.46 14.10 -11.22
C ILE A 333 -7.23 14.98 -10.24
N LEU A 334 -7.23 14.58 -8.97
CA LEU A 334 -7.76 15.40 -7.88
C LEU A 334 -6.62 16.17 -7.23
N VAL A 335 -6.95 17.35 -6.68
CA VAL A 335 -5.95 18.20 -6.04
C VAL A 335 -6.47 18.61 -4.66
N ASP A 336 -5.60 18.54 -3.65
CA ASP A 336 -5.96 19.03 -2.34
C ASP A 336 -4.78 19.79 -1.76
N ARG A 337 -5.07 20.58 -0.74
CA ARG A 337 -4.09 21.48 -0.15
C ARG A 337 -4.35 21.55 1.34
N ASP A 338 -3.27 21.55 2.13
CA ASP A 338 -3.32 21.88 3.54
C ASP A 338 -2.57 23.20 3.76
N ASP A 339 -2.12 23.43 5.00
CA ASP A 339 -1.38 24.65 5.29
C ASP A 339 0.10 24.56 4.91
N GLN A 340 0.59 23.38 4.53
CA GLN A 340 2.01 23.18 4.29
C GLN A 340 2.33 22.76 2.87
N GLY A 341 1.41 22.14 2.15
CA GLY A 341 1.74 21.69 0.81
C GLY A 341 0.50 21.29 0.05
N THR A 342 0.73 20.79 -1.16
CA THR A 342 -0.32 20.45 -2.11
C THR A 342 -0.17 19.01 -2.56
N LEU A 343 -1.31 18.33 -2.73
CA LEU A 343 -1.35 16.93 -3.10
C LEU A 343 -2.11 16.78 -4.42
N LEU A 344 -1.51 16.05 -5.37
CA LEU A 344 -2.19 15.54 -6.55
C LEU A 344 -2.46 14.05 -6.35
N GLN A 345 -3.69 13.60 -6.59
CA GLN A 345 -4.04 12.20 -6.33
C GLN A 345 -5.09 11.70 -7.31
N ILE A 346 -5.12 10.38 -7.49
CA ILE A 346 -6.18 9.74 -8.26
C ILE A 346 -6.27 8.30 -7.76
N PHE A 347 -7.43 7.69 -7.93
CA PHE A 347 -7.72 6.36 -7.41
C PHE A 347 -8.12 5.40 -8.51
N THR A 348 -7.58 4.17 -8.46
CA THR A 348 -8.03 3.14 -9.37
C THR A 348 -9.34 2.52 -8.89
N LYS A 349 -10.01 1.84 -9.81
CA LYS A 349 -11.05 0.89 -9.43
C LYS A 349 -10.40 -0.28 -8.70
N PRO A 350 -11.19 -1.13 -8.03
CA PRO A 350 -10.60 -2.25 -7.29
C PRO A 350 -9.69 -3.09 -8.16
N LEU A 351 -8.61 -3.59 -7.55
CA LEU A 351 -7.57 -4.32 -8.28
C LEU A 351 -8.03 -5.71 -8.69
N GLY A 352 -9.02 -6.27 -8.00
CA GLY A 352 -9.44 -7.62 -8.34
C GLY A 352 -10.94 -7.76 -8.39
N ASP A 353 -11.44 -8.99 -8.19
CA ASP A 353 -12.87 -9.27 -8.32
C ASP A 353 -13.70 -8.52 -7.27
N ARG A 354 -13.18 -8.40 -6.05
CA ARG A 354 -14.04 -7.88 -4.99
C ARG A 354 -13.85 -6.37 -4.83
N PRO A 355 -14.89 -5.65 -4.38
CA PRO A 355 -14.77 -4.18 -4.21
C PRO A 355 -14.07 -3.86 -2.89
N THR A 356 -12.79 -4.23 -2.84
CA THR A 356 -12.02 -4.14 -1.62
C THR A 356 -10.78 -3.26 -1.87
N ILE A 357 -9.64 -3.87 -2.21
CA ILE A 357 -8.40 -3.11 -2.33
C ILE A 357 -8.35 -2.34 -3.64
N PHE A 358 -7.78 -1.14 -3.59
CA PHE A 358 -7.50 -0.33 -4.76
C PHE A 358 -6.18 0.38 -4.56
N ILE A 359 -5.77 1.14 -5.58
CA ILE A 359 -4.50 1.83 -5.55
C ILE A 359 -4.75 3.32 -5.74
N GLU A 360 -3.94 4.13 -5.06
CA GLU A 360 -3.90 5.57 -5.23
C GLU A 360 -2.56 5.95 -5.83
N ILE A 361 -2.57 6.83 -6.82
CA ILE A 361 -1.35 7.45 -7.31
C ILE A 361 -1.29 8.87 -6.80
N ILE A 362 -0.14 9.28 -6.25
CA ILE A 362 -0.02 10.61 -5.68
C ILE A 362 1.31 11.25 -6.03
N GLN A 363 1.30 12.58 -6.02
CA GLN A 363 2.52 13.36 -6.01
C GLN A 363 2.29 14.56 -5.10
N ARG A 364 3.31 14.91 -4.32
CA ARG A 364 3.21 15.97 -3.32
C ARG A 364 4.09 17.15 -3.70
N VAL A 365 3.59 18.36 -3.48
CA VAL A 365 4.31 19.59 -3.84
C VAL A 365 4.48 20.41 -2.57
N GLY A 366 5.73 20.77 -2.26
CA GLY A 366 6.02 21.65 -1.14
C GLY A 366 6.81 20.98 -0.02
N CYS A 367 6.77 21.59 1.17
CA CYS A 367 7.42 21.05 2.36
C CYS A 367 8.87 20.65 2.07
N MET A 368 9.58 21.51 1.36
CA MET A 368 11.00 21.30 1.11
C MET A 368 11.79 21.84 2.29
N MET A 369 12.74 21.05 2.77
CA MET A 369 13.68 21.51 3.78
C MET A 369 15.06 21.05 3.34
N TYR A 377 15.35 17.39 0.82
CA TYR A 377 14.31 16.37 1.02
C TYR A 377 12.93 16.99 1.15
N GLN A 378 11.91 16.17 0.91
CA GLN A 378 10.53 16.53 1.18
C GLN A 378 10.06 15.86 2.47
N SER A 379 9.39 16.62 3.33
CA SER A 379 8.90 16.03 4.56
C SER A 379 7.70 15.14 4.28
N GLY A 380 7.55 14.10 5.09
CA GLY A 380 6.52 13.10 4.83
C GLY A 380 5.12 13.66 4.99
N GLY A 381 4.21 13.17 4.16
CA GLY A 381 2.81 13.54 4.25
C GLY A 381 2.49 14.96 3.84
N CYS A 382 3.39 15.61 3.11
CA CYS A 382 3.18 16.99 2.63
C CYS A 382 1.90 17.14 1.84
N GLY A 383 0.99 17.95 2.35
CA GLY A 383 -0.29 18.18 1.71
C GLY A 383 -1.42 17.35 2.27
N GLY A 384 -1.12 16.40 3.15
CA GLY A 384 -2.16 15.60 3.77
C GLY A 384 -2.53 14.36 2.99
N PHE A 385 -3.80 13.97 3.03
CA PHE A 385 -4.26 12.73 2.40
C PHE A 385 -5.49 12.94 1.52
N GLY A 386 -5.91 14.19 1.32
CA GLY A 386 -7.00 14.49 0.42
C GLY A 386 -8.37 14.56 1.07
N LYS A 387 -8.42 14.68 2.39
CA LYS A 387 -9.71 14.71 3.08
C LYS A 387 -10.57 15.87 2.59
N GLY A 388 -9.95 16.98 2.18
CA GLY A 388 -10.72 18.08 1.63
C GLY A 388 -11.45 17.74 0.35
N ASN A 389 -11.05 16.66 -0.32
CA ASN A 389 -11.67 16.34 -1.60
C ASN A 389 -13.04 15.70 -1.45
N PHE A 390 -13.42 15.27 -0.25
CA PHE A 390 -14.79 14.82 -0.03
C PHE A 390 -15.78 15.96 -0.26
N SER A 391 -15.52 17.12 0.34
CA SER A 391 -16.43 18.25 0.19
C SER A 391 -16.30 18.89 -1.20
N GLU A 392 -15.07 19.04 -1.71
CA GLU A 392 -14.88 19.72 -2.98
C GLU A 392 -15.49 18.94 -4.14
N LEU A 393 -15.38 17.61 -4.11
CA LEU A 393 -16.02 16.81 -5.16
C LEU A 393 -17.54 16.86 -5.01
N PHE A 394 -18.03 16.85 -3.76
CA PHE A 394 -19.46 16.94 -3.53
C PHE A 394 -20.03 18.28 -3.97
N LYS A 395 -19.29 19.38 -3.74
CA LYS A 395 -19.78 20.67 -4.18
C LYS A 395 -19.77 20.77 -5.70
N SER A 396 -18.72 20.25 -6.34
CA SER A 396 -18.61 20.41 -7.79
C SER A 396 -19.64 19.56 -8.53
N ILE A 397 -20.08 18.45 -7.94
CA ILE A 397 -21.10 17.65 -8.62
C ILE A 397 -22.46 18.31 -8.49
N GLU A 398 -22.75 18.92 -7.33
CA GLU A 398 -23.97 19.69 -7.20
C GLU A 398 -23.95 20.91 -8.11
N GLU A 399 -22.79 21.56 -8.21
CA GLU A 399 -22.67 22.72 -9.10
C GLU A 399 -22.83 22.32 -10.55
N TYR A 400 -22.34 21.13 -10.92
CA TYR A 400 -22.46 20.68 -12.31
C TYR A 400 -23.90 20.33 -12.66
N GLU A 401 -24.68 19.87 -11.67
CA GLU A 401 -26.11 19.70 -11.89
C GLU A 401 -26.78 21.04 -12.17
N LYS A 402 -26.31 22.10 -11.50
CA LYS A 402 -26.88 23.43 -11.72
C LYS A 402 -26.48 23.97 -13.09
N THR A 403 -25.21 23.80 -13.48
CA THR A 403 -24.77 24.19 -14.81
C THR A 403 -25.65 23.55 -15.89
N LEU A 404 -25.95 22.26 -15.73
CA LEU A 404 -26.78 21.53 -16.68
C LEU A 404 -28.19 22.09 -16.74
CO CO B . -4.74 7.80 0.49
C10 7RQ C . -22.18 10.84 -6.12
C13 7RQ C . -24.81 11.69 -6.35
C15 7RQ C . -22.80 11.13 -7.22
C17 7RQ C . -26.79 11.73 -7.76
C20 7RQ C . -28.14 11.49 -7.87
C21 7RQ C . -28.65 11.03 -9.07
C22 7RQ C . -27.80 10.81 -10.14
C26 7RQ C . -29.27 9.29 -11.10
C28 7RQ C . -23.12 10.85 -2.54
C01 7RQ C . -8.81 9.37 0.14
C02 7RQ C . -9.82 8.60 -0.47
C03 7RQ C . -10.87 9.21 -1.17
C04 7RQ C . -10.91 10.60 -1.27
C05 7RQ C . -9.88 11.34 -0.69
C06 7RQ C . -8.86 10.73 0.02
C07 7RQ C . -11.93 11.48 -2.02
C11 7RQ C . -22.89 10.96 -4.93
C12 7RQ C . -24.26 11.41 -5.01
C14 7RQ C . -24.02 11.53 -7.44
C18 7RQ C . -25.90 11.53 -8.82
C23 7RQ C . -26.42 11.05 -10.02
C25 7RQ C . -28.03 10.99 -12.49
C27 7RQ C . -22.35 10.69 -3.70
C29 7RQ C . -24.46 11.28 -2.63
C30 7RQ C . -25.02 11.56 -3.88
C31 7RQ C . -19.71 11.28 -5.64
C32 7RQ C . -18.57 10.48 -4.99
C33 7RQ C . -17.94 11.24 -3.81
C34 7RQ C . -16.90 10.39 -3.06
C35 7RQ C . -15.54 11.09 -3.07
C36 7RQ C . -14.40 10.40 -2.29
C38 7RQ C . -7.61 8.77 0.91
C39 7RQ C . -7.55 8.68 2.43
C41 7RQ C . -8.84 8.79 3.24
C42 7RQ C . -8.78 8.85 4.76
C43 7RQ C . -7.40 9.28 5.24
C44 7RQ C . -6.26 8.52 4.58
C45 7RQ C . -6.42 8.34 3.07
N09 7RQ C . -20.78 10.39 -6.11
N16 7RQ C . -26.25 12.17 -6.60
N24 7RQ C . -28.33 10.39 -11.19
N37 7RQ C . -13.32 11.37 -2.41
N48 7RQ C . -9.86 7.14 -0.39
O08 7RQ C . -11.46 12.49 -2.38
O19 7RQ C . -24.64 11.79 -8.55
O40 7RQ C . -6.67 8.39 0.27
O46 7RQ C . -5.25 8.04 2.37
O47 7RQ C . -9.89 8.85 2.69
O49 7RQ C . -9.26 6.57 0.44
O50 7RQ C . -10.65 6.40 -1.28
#